data_5N32
#
_entry.id   5N32
#
_cell.length_a   58.635
_cell.length_b   72.327
_cell.length_c   108.531
_cell.angle_alpha   90.00
_cell.angle_beta   90.00
_cell.angle_gamma   90.00
#
_symmetry.space_group_name_H-M   'P 21 21 21'
#
loop_
_entity.id
_entity.type
_entity.pdbx_description
1 polymer 'cAMP-dependent protein kinase catalytic subunit alpha'
2 polymer 'cAMP-dependent protein kinase inhibitor alpha-like protein'
3 non-polymer [azanyl-[(4-chlorophenyl)methylsulfanyl]methylidene]azanium
4 non-polymer (4S)-2-METHYL-2,4-PENTANEDIOL
5 water water
#
loop_
_entity_poly.entity_id
_entity_poly.type
_entity_poly.pdbx_seq_one_letter_code
_entity_poly.pdbx_strand_id
1 'polypeptide(L)'
;GHMGNAAAAKKG(SEP)EQESVKEFLAKAKEEFLKKWESPSQNTAQLDHFDRIKTLGTGSFGRVMLVKHKETGNHYAMKI
LDKQKVVKLKQIEHTLNEKRILQAVNFPFLVKLEFSFKDNSNLYMVMEYVPGGEMFSHLRRIGRFSEPHARFYAAQIVLT
FEYLHSLDLIYRDLKPENLLIDQQGYIQVTDFGFAKRVKGRTW(TPO)LCGTPEYLAPEIILSKGYNKAVDWWALGVLIY
EMAAGYPPFFADQPIQIYEKIVSGKVRFPSHFSSDLKDLLRNLLQVDLTKRFGNLKNGVNDIKNHKWFATTDWIAIYQRK
VEAPFIPKFKGPGDTSNFDDYEEEEIRV(SEP)INEKCGKEFTEF
;
A
2 'polypeptide(L)' IAAGRTGRRQAIHDILVAA B
#
loop_
_chem_comp.id
_chem_comp.type
_chem_comp.name
_chem_comp.formula
8K5 non-polymer [azanyl-[(4-chlorophenyl)methylsulfanyl]methylidene]azanium 'C8 H10 Cl N2 S 1'
MPD non-polymer (4S)-2-METHYL-2,4-PENTANEDIOL 'C6 H14 O2'
#
# COMPACT_ATOMS: atom_id res chain seq x y z
N HIS A 2 7.91 32.29 7.24
CA HIS A 2 8.22 31.12 8.10
C HIS A 2 9.70 30.70 7.95
N MET A 3 10.19 30.69 6.72
CA MET A 3 11.56 30.30 6.44
C MET A 3 12.44 31.53 6.30
N GLY A 4 13.67 31.43 6.80
CA GLY A 4 14.64 32.49 6.69
C GLY A 4 15.55 32.30 5.50
N ALA A 6 17.56 31.33 2.73
CA ALA A 6 18.52 30.49 3.44
C ALA A 6 17.96 29.07 3.60
N ALA A 7 17.06 28.90 4.57
CA ALA A 7 16.33 27.63 4.67
C ALA A 7 15.44 27.42 3.47
N ALA A 8 14.95 28.50 2.86
CA ALA A 8 14.13 28.39 1.66
C ALA A 8 14.97 27.94 0.47
N ALA A 9 16.17 28.50 0.32
CA ALA A 9 17.06 28.10 -0.77
C ALA A 9 17.37 26.61 -0.71
N LYS A 10 17.60 26.08 0.50
CA LYS A 10 17.87 24.66 0.64
C LYS A 10 16.66 23.83 0.24
N LYS A 11 15.45 24.29 0.59
CA LYS A 11 14.25 23.57 0.18
C LYS A 11 14.06 23.61 -1.33
N GLY A 12 14.24 24.78 -1.94
CA GLY A 12 14.11 24.93 -3.38
C GLY A 12 15.04 24.00 -4.15
N SEP A 13 16.32 23.99 -3.78
CA SEP A 13 17.27 23.10 -4.42
CB SEP A 13 18.68 23.30 -3.85
OG SEP A 13 19.51 22.20 -4.19
C SEP A 13 16.83 21.65 -4.24
O SEP A 13 16.87 20.86 -5.17
P SEP A 13 21.07 22.58 -4.38
O1P SEP A 13 21.90 21.23 -4.68
O2P SEP A 13 21.60 23.31 -3.04
O3P SEP A 13 21.25 23.59 -5.62
H SEP A 13 16.65 24.49 -3.17
HA SEP A 13 17.31 23.29 -5.38
HB2 SEP A 13 18.63 23.36 -2.89
HB3 SEP A 13 19.07 24.10 -4.22
N GLU A 14 16.37 21.33 -3.03
CA GLU A 14 15.85 19.99 -2.74
C GLU A 14 14.72 19.62 -3.70
N GLN A 15 13.88 20.61 -4.01
CA GLN A 15 12.75 20.36 -4.90
C GLN A 15 13.21 20.11 -6.33
N GLU A 16 14.20 20.87 -6.81
CA GLU A 16 14.75 20.60 -8.13
C GLU A 16 15.39 19.22 -8.20
N SER A 17 16.02 18.78 -7.11
CA SER A 17 16.59 17.44 -7.07
C SER A 17 15.52 16.37 -7.11
N VAL A 18 14.35 16.63 -6.51
CA VAL A 18 13.25 15.67 -6.61
C VAL A 18 12.80 15.54 -8.06
N LYS A 19 12.64 16.67 -8.76
CA LYS A 19 12.29 16.64 -10.17
C LYS A 19 13.29 15.82 -10.97
N GLU A 20 14.58 16.00 -10.71
CA GLU A 20 15.63 15.27 -11.41
C GLU A 20 15.51 13.77 -11.15
N PHE A 21 15.33 13.40 -9.88
CA PHE A 21 15.17 11.99 -9.53
C PHE A 21 13.96 11.37 -10.20
N LEU A 22 12.81 12.04 -10.13
CA LEU A 22 11.60 11.48 -10.71
C LEU A 22 11.70 11.36 -12.23
N ALA A 23 12.45 12.25 -12.87
CA ALA A 23 12.64 12.14 -14.32
C ALA A 23 13.41 10.88 -14.67
N LYS A 24 14.49 10.61 -13.94
CA LYS A 24 15.25 9.39 -14.19
C LYS A 24 14.43 8.16 -13.82
N ALA A 25 13.68 8.24 -12.72
CA ALA A 25 12.86 7.12 -12.30
C ALA A 25 11.82 6.76 -13.36
N LYS A 26 11.23 7.77 -14.00
CA LYS A 26 10.24 7.50 -15.04
C LYS A 26 10.90 6.83 -16.25
N GLU A 27 12.10 7.27 -16.60
CA GLU A 27 12.82 6.64 -17.72
C GLU A 27 13.06 5.16 -17.44
N GLU A 28 13.51 4.83 -16.23
CA GLU A 28 13.75 3.43 -15.86
C GLU A 28 12.46 2.63 -15.85
N PHE A 29 11.39 3.22 -15.31
CA PHE A 29 10.11 2.53 -15.26
C PHE A 29 9.60 2.19 -16.65
N LEU A 30 9.62 3.17 -17.55
CA LEU A 30 9.05 2.96 -18.88
C LEU A 30 9.77 1.85 -19.63
N LYS A 31 11.09 1.80 -19.53
CA LYS A 31 11.83 0.71 -20.16
C LYS A 31 11.31 -0.64 -19.72
N LYS A 32 11.04 -0.80 -18.42
CA LYS A 32 10.53 -2.07 -17.92
C LYS A 32 9.04 -2.24 -18.19
N TRP A 33 8.30 -1.13 -18.26
CA TRP A 33 6.86 -1.20 -18.45
C TRP A 33 6.50 -1.62 -19.88
N GLU A 34 7.33 -1.27 -20.86
CA GLU A 34 7.09 -1.60 -22.25
C GLU A 34 7.82 -2.86 -22.71
N SER A 35 8.65 -3.46 -21.85
CA SER A 35 9.41 -4.66 -22.18
C SER A 35 9.50 -5.55 -20.96
N PRO A 36 8.38 -6.16 -20.55
CA PRO A 36 8.38 -7.05 -19.37
C PRO A 36 8.87 -8.45 -19.70
N ASN A 39 7.50 -16.42 -17.34
CA ASN A 39 7.55 -17.63 -16.54
C ASN A 39 8.96 -17.84 -15.96
N THR A 40 9.34 -16.97 -15.03
CA THR A 40 10.66 -17.00 -14.43
C THR A 40 10.88 -18.18 -13.46
N ALA A 41 9.93 -19.11 -13.33
CA ALA A 41 10.09 -20.27 -12.45
C ALA A 41 8.89 -21.21 -12.57
N GLN A 42 8.86 -22.27 -11.78
CA GLN A 42 7.71 -23.16 -11.71
C GLN A 42 7.53 -23.63 -10.28
N LEU A 43 6.35 -24.20 -10.01
CA LEU A 43 5.95 -24.44 -8.63
C LEU A 43 6.84 -25.45 -7.93
N ASP A 44 7.28 -26.50 -8.65
CA ASP A 44 8.07 -27.53 -8.01
C ASP A 44 9.50 -27.08 -7.70
N HIS A 45 9.86 -25.84 -8.00
CA HIS A 45 11.13 -25.28 -7.57
C HIS A 45 11.10 -24.81 -6.11
N PHE A 46 9.96 -24.93 -5.44
CA PHE A 46 9.80 -24.39 -4.10
C PHE A 46 9.17 -25.43 -3.18
N ASP A 47 9.47 -25.30 -1.89
CA ASP A 47 8.81 -26.06 -0.85
C ASP A 47 7.84 -25.16 -0.11
N ARG A 48 6.63 -25.66 0.13
CA ARG A 48 5.65 -24.92 0.91
C ARG A 48 6.02 -24.94 2.38
N ILE A 49 6.03 -23.77 3.01
N ILE A 49 6.00 -23.77 3.02
CA ILE A 49 6.32 -23.66 4.45
CA ILE A 49 6.36 -23.62 4.44
C ILE A 49 5.06 -23.31 5.24
C ILE A 49 5.15 -23.26 5.29
N LYS A 50 4.47 -22.15 4.97
CA LYS A 50 3.42 -21.63 5.83
C LYS A 50 2.58 -20.60 5.07
N THR A 51 1.30 -20.52 5.43
CA THR A 51 0.43 -19.47 4.92
C THR A 51 0.62 -18.19 5.73
N LEU A 52 0.94 -17.09 5.04
CA LEU A 52 1.22 -15.81 5.68
C LEU A 52 0.03 -14.85 5.66
N GLY A 53 -0.98 -15.13 4.85
CA GLY A 53 -2.13 -14.24 4.72
C GLY A 53 -3.11 -14.77 3.69
N THR A 54 -4.39 -14.42 3.83
CA THR A 54 -5.44 -14.99 3.00
C THR A 54 -6.45 -13.93 2.62
N GLY A 55 -6.97 -14.03 1.38
CA GLY A 55 -8.01 -13.15 0.90
C GLY A 55 -9.02 -13.94 0.09
N SER A 56 -10.00 -13.20 -0.47
CA SER A 56 -11.07 -13.84 -1.23
C SER A 56 -10.52 -14.74 -2.33
N PHE A 57 -9.74 -14.17 -3.26
CA PHE A 57 -9.22 -14.92 -4.39
C PHE A 57 -8.06 -15.83 -3.97
N ARG A 59 -4.13 -16.37 -1.68
CA ARG A 59 -3.31 -16.48 -0.48
C ARG A 59 -1.86 -16.11 -0.75
N VAL A 60 -1.14 -15.72 0.30
CA VAL A 60 0.30 -15.51 0.25
C VAL A 60 0.95 -16.57 1.12
N MET A 61 1.89 -17.31 0.54
CA MET A 61 2.57 -18.41 1.20
C MET A 61 4.05 -18.09 1.38
N LEU A 62 4.60 -18.47 2.53
CA LEU A 62 6.05 -18.53 2.66
C LEU A 62 6.54 -19.80 1.97
N VAL A 63 7.51 -19.64 1.08
CA VAL A 63 8.08 -20.77 0.34
C VAL A 63 9.60 -20.71 0.45
N LYS A 64 10.22 -21.85 0.19
CA LYS A 64 11.67 -21.96 0.17
C LYS A 64 12.09 -22.45 -1.21
N HIS A 65 12.94 -21.68 -1.87
CA HIS A 65 13.47 -22.09 -3.17
C HIS A 65 14.42 -23.27 -2.98
N LYS A 66 14.08 -24.42 -3.59
CA LYS A 66 14.85 -25.64 -3.36
C LYS A 66 16.32 -25.45 -3.70
N GLU A 67 16.61 -24.92 -4.90
CA GLU A 67 17.99 -24.82 -5.36
C GLU A 67 18.82 -23.94 -4.42
N THR A 68 18.43 -22.68 -4.26
CA THR A 68 19.24 -21.71 -3.53
C THR A 68 18.96 -21.71 -2.03
N GLY A 69 17.83 -22.25 -1.58
CA GLY A 69 17.48 -22.20 -0.18
C GLY A 69 16.92 -20.87 0.30
N ASN A 70 16.80 -19.88 -0.58
CA ASN A 70 16.26 -18.59 -0.18
C ASN A 70 14.77 -18.69 0.11
N HIS A 71 14.29 -17.80 0.96
CA HIS A 71 12.88 -17.74 1.30
C HIS A 71 12.20 -16.61 0.55
N TYR A 72 10.95 -16.83 0.17
CA TYR A 72 10.16 -15.86 -0.57
C TYR A 72 8.72 -15.92 -0.09
N ALA A 73 7.99 -14.86 -0.36
CA ALA A 73 6.54 -14.83 -0.18
C ALA A 73 5.91 -15.07 -1.56
N MET A 74 5.09 -16.12 -1.66
CA MET A 74 4.46 -16.49 -2.93
C MET A 74 2.97 -16.21 -2.84
N LYS A 75 2.50 -15.23 -3.61
CA LYS A 75 1.07 -14.98 -3.75
C LYS A 75 0.49 -15.91 -4.81
N ILE A 76 -0.56 -16.65 -4.45
CA ILE A 76 -1.20 -17.63 -5.31
C ILE A 76 -2.61 -17.16 -5.62
N LEU A 77 -2.95 -17.08 -6.91
CA LEU A 77 -4.26 -16.65 -7.37
C LEU A 77 -4.88 -17.77 -8.17
N ASP A 78 -6.08 -18.19 -7.78
CA ASP A 78 -6.83 -19.20 -8.50
C ASP A 78 -7.43 -18.60 -9.76
N LYS A 79 -6.99 -19.08 -10.93
CA LYS A 79 -7.35 -18.43 -12.19
C LYS A 79 -8.86 -18.38 -12.39
N GLN A 80 -9.55 -19.47 -12.06
CA GLN A 80 -11.01 -19.48 -12.20
C GLN A 80 -11.65 -18.51 -11.23
N LYS A 81 -11.14 -18.46 -9.99
CA LYS A 81 -11.70 -17.57 -8.98
C LYS A 81 -11.54 -16.10 -9.36
N VAL A 82 -10.56 -15.77 -10.21
CA VAL A 82 -10.26 -14.37 -10.55
C VAL A 82 -11.35 -13.84 -11.50
N VAL A 83 -12.60 -14.27 -11.32
CA VAL A 83 -13.66 -13.64 -12.08
C VAL A 83 -15.05 -13.93 -11.53
N LYS A 84 -15.65 -13.02 -10.74
CA LYS A 84 -15.00 -11.88 -10.07
C LYS A 84 -14.67 -10.65 -10.93
N LEU A 85 -14.75 -10.78 -12.26
CA LEU A 85 -14.55 -9.68 -13.19
C LEU A 85 -13.32 -8.83 -12.90
N LYS A 86 -13.51 -7.59 -12.42
CA LYS A 86 -12.46 -6.64 -12.11
C LYS A 86 -11.19 -7.31 -11.61
N GLN A 87 -11.34 -8.47 -10.97
CA GLN A 87 -10.18 -9.28 -10.61
C GLN A 87 -9.25 -9.48 -11.81
N ILE A 88 -9.80 -9.84 -12.97
CA ILE A 88 -8.96 -10.21 -14.11
C ILE A 88 -7.97 -9.08 -14.44
N GLU A 89 -8.51 -7.93 -14.86
N GLU A 89 -8.48 -7.92 -14.84
CA GLU A 89 -7.69 -6.77 -15.18
CA GLU A 89 -7.56 -6.85 -15.22
C GLU A 89 -6.78 -6.41 -14.02
C GLU A 89 -6.79 -6.30 -14.02
N HIS A 90 -7.31 -6.46 -12.79
CA HIS A 90 -6.55 -6.03 -11.62
C HIS A 90 -5.35 -6.94 -11.37
N THR A 91 -5.48 -8.25 -11.66
CA THR A 91 -4.34 -9.15 -11.51
C THR A 91 -3.26 -8.84 -12.53
N LEU A 92 -3.65 -8.47 -13.76
CA LEU A 92 -2.67 -8.07 -14.76
C LEU A 92 -2.01 -6.75 -14.38
N ASN A 93 -2.78 -5.81 -13.85
CA ASN A 93 -2.20 -4.56 -13.36
C ASN A 93 -1.10 -4.85 -12.34
N GLU A 94 -1.38 -5.75 -11.39
CA GLU A 94 -0.46 -5.98 -10.29
C GLU A 94 0.88 -6.51 -10.79
N LYS A 95 0.85 -7.51 -11.67
CA LYS A 95 2.09 -8.12 -12.14
C LYS A 95 2.91 -7.13 -12.95
N ARG A 96 2.27 -6.44 -13.89
CA ARG A 96 3.00 -5.53 -14.78
C ARG A 96 3.58 -4.35 -14.01
N ILE A 97 2.86 -3.87 -13.00
CA ILE A 97 3.36 -2.75 -12.21
C ILE A 97 4.54 -3.20 -11.34
N LEU A 98 4.38 -4.32 -10.64
CA LEU A 98 5.43 -4.75 -9.73
C LEU A 98 6.72 -5.13 -10.45
N GLN A 99 6.63 -5.57 -11.70
CA GLN A 99 7.85 -5.90 -12.42
C GLN A 99 8.56 -4.67 -12.98
N ALA A 100 7.93 -3.50 -12.96
CA ALA A 100 8.52 -2.30 -13.54
C ALA A 100 8.97 -1.27 -12.51
N VAL A 101 8.43 -1.28 -11.30
CA VAL A 101 8.74 -0.25 -10.31
C VAL A 101 10.02 -0.62 -9.56
N ASN A 102 10.60 0.37 -8.89
CA ASN A 102 11.81 0.18 -8.12
C ASN A 102 11.88 1.35 -7.13
N PHE A 103 11.69 1.05 -5.85
CA PHE A 103 11.70 2.08 -4.81
C PHE A 103 12.00 1.40 -3.49
N PRO A 104 12.66 2.07 -2.55
CA PRO A 104 13.11 1.40 -1.32
C PRO A 104 11.99 0.84 -0.45
N PHE A 105 10.77 1.36 -0.57
CA PHE A 105 9.67 0.98 0.32
C PHE A 105 8.60 0.17 -0.41
N LEU A 106 8.95 -0.41 -1.54
CA LEU A 106 8.06 -1.30 -2.28
C LEU A 106 8.65 -2.69 -2.27
N VAL A 107 7.84 -3.68 -1.94
CA VAL A 107 8.32 -5.06 -1.99
C VAL A 107 8.72 -5.38 -3.42
N LYS A 108 9.78 -6.16 -3.58
CA LYS A 108 10.34 -6.48 -4.88
C LYS A 108 9.82 -7.82 -5.37
N LEU A 109 9.28 -7.83 -6.58
CA LEU A 109 8.88 -9.07 -7.24
C LEU A 109 10.12 -9.75 -7.81
N GLU A 110 10.27 -11.04 -7.52
CA GLU A 110 11.41 -11.82 -7.99
C GLU A 110 11.07 -12.66 -9.21
N PHE A 111 10.03 -13.49 -9.12
CA PHE A 111 9.59 -14.31 -10.24
C PHE A 111 8.08 -14.22 -10.37
N SER A 112 7.59 -14.57 -11.56
CA SER A 112 6.16 -14.80 -11.73
C SER A 112 5.98 -15.87 -12.78
N PHE A 113 4.91 -16.64 -12.64
CA PHE A 113 4.60 -17.72 -13.56
C PHE A 113 3.16 -18.15 -13.32
N LYS A 114 2.70 -19.08 -14.15
CA LYS A 114 1.33 -19.56 -14.11
C LYS A 114 1.33 -21.03 -14.50
N ASP A 115 0.29 -21.75 -14.07
CA ASP A 115 0.12 -23.14 -14.47
C ASP A 115 -1.35 -23.34 -14.84
N ASN A 116 -1.79 -24.60 -14.86
CA ASN A 116 -3.14 -24.89 -15.32
C ASN A 116 -4.20 -24.23 -14.46
N SER A 117 -3.93 -24.05 -13.16
CA SER A 117 -4.95 -23.60 -12.23
C SER A 117 -4.70 -22.23 -11.62
N ASN A 118 -3.45 -21.81 -11.44
CA ASN A 118 -3.14 -20.65 -10.63
C ASN A 118 -2.19 -19.69 -11.33
N LEU A 119 -2.17 -18.45 -10.84
CA LEU A 119 -1.12 -17.48 -11.12
C LEU A 119 -0.24 -17.35 -9.88
N TYR A 120 1.05 -17.15 -10.08
CA TYR A 120 2.01 -17.08 -8.99
C TYR A 120 2.84 -15.81 -9.12
N MET A 121 2.99 -15.09 -8.01
CA MET A 121 3.93 -13.97 -7.93
C MET A 121 4.80 -14.19 -6.71
N VAL A 122 6.11 -14.28 -6.94
CA VAL A 122 7.08 -14.60 -5.90
C VAL A 122 7.82 -13.32 -5.56
N MET A 123 7.67 -12.88 -4.32
CA MET A 123 8.21 -11.62 -3.84
C MET A 123 9.25 -11.88 -2.75
N GLU A 124 10.10 -10.89 -2.52
CA GLU A 124 11.00 -10.91 -1.38
C GLU A 124 10.20 -11.09 -0.09
N TYR A 125 10.71 -11.95 0.78
CA TYR A 125 10.05 -12.19 2.06
C TYR A 125 10.47 -11.12 3.06
N VAL A 126 9.49 -10.45 3.66
CA VAL A 126 9.74 -9.42 4.66
C VAL A 126 9.29 -9.99 6.00
N PRO A 127 10.22 -10.40 6.87
CA PRO A 127 9.84 -11.23 8.01
C PRO A 127 9.35 -10.46 9.23
N GLY A 128 9.36 -9.13 9.20
CA GLY A 128 8.99 -8.35 10.37
C GLY A 128 7.51 -8.30 10.68
N GLY A 129 6.66 -8.78 9.78
CA GLY A 129 5.23 -8.80 9.99
C GLY A 129 4.55 -7.55 9.43
N GLU A 130 3.22 -7.59 9.46
CA GLU A 130 2.40 -6.46 9.04
C GLU A 130 2.38 -5.38 10.12
N MET A 131 2.37 -4.12 9.70
CA MET A 131 2.12 -3.05 10.65
C MET A 131 0.84 -3.30 11.41
N PHE A 132 -0.16 -3.85 10.74
CA PHE A 132 -1.46 -4.09 11.34
C PHE A 132 -1.35 -4.81 12.67
N SER A 133 -0.61 -5.92 12.73
CA SER A 133 -0.61 -6.69 13.96
C SER A 133 0.19 -5.98 15.05
N HIS A 134 1.28 -5.32 14.68
CA HIS A 134 2.03 -4.54 15.67
C HIS A 134 1.17 -3.42 16.24
N LEU A 135 0.41 -2.76 15.38
CA LEU A 135 -0.44 -1.65 15.81
C LEU A 135 -1.56 -2.14 16.73
N ARG A 136 -2.23 -3.24 16.37
CA ARG A 136 -3.28 -3.75 17.23
C ARG A 136 -2.73 -4.23 18.56
N ARG A 137 -1.49 -4.73 18.58
CA ARG A 137 -0.90 -5.23 19.80
C ARG A 137 -0.51 -4.11 20.74
N ILE A 138 0.15 -3.07 20.21
CA ILE A 138 0.57 -1.94 21.03
C ILE A 138 -0.56 -0.96 21.30
N GLY A 139 -1.59 -0.94 20.44
CA GLY A 139 -2.69 -0.01 20.61
C GLY A 139 -2.59 1.17 19.66
N ARG A 140 -1.62 2.04 19.90
CA ARG A 140 -1.39 3.15 18.99
C ARG A 140 0.10 3.49 19.01
N PHE A 141 0.53 4.18 17.97
CA PHE A 141 1.89 4.67 17.85
C PHE A 141 1.97 6.12 18.32
N SER A 142 3.12 6.47 18.91
CA SER A 142 3.39 7.88 19.20
C SER A 142 3.39 8.68 17.90
N GLU A 143 3.24 10.00 18.00
CA GLU A 143 3.26 10.79 16.79
C GLU A 143 4.61 10.72 16.08
N PRO A 144 5.75 10.75 16.77
CA PRO A 144 7.02 10.57 16.04
C PRO A 144 7.11 9.23 15.34
N HIS A 145 6.57 8.17 15.95
N HIS A 145 6.61 8.17 15.98
CA HIS A 145 6.66 6.85 15.32
CA HIS A 145 6.59 6.83 15.42
C HIS A 145 5.72 6.75 14.12
C HIS A 145 5.74 6.79 14.15
N ALA A 146 4.50 7.28 14.25
CA ALA A 146 3.61 7.34 13.10
C ALA A 146 4.19 8.22 12.01
N ARG A 147 4.83 9.33 12.39
CA ARG A 147 5.41 10.24 11.40
C ARG A 147 6.49 9.54 10.58
N PHE A 148 7.29 8.70 11.24
CA PHE A 148 8.35 7.96 10.56
C PHE A 148 7.77 7.07 9.45
N TYR A 149 6.69 6.36 9.76
CA TYR A 149 6.04 5.52 8.76
C TYR A 149 5.33 6.37 7.72
N ALA A 150 4.63 7.42 8.14
CA ALA A 150 3.92 8.28 7.20
C ALA A 150 4.86 8.86 6.16
N ALA A 151 6.05 9.30 6.58
CA ALA A 151 6.99 9.90 5.64
C ALA A 151 7.34 8.94 4.51
N GLN A 152 7.50 7.66 4.82
CA GLN A 152 7.82 6.67 3.79
C GLN A 152 6.66 6.51 2.82
N ILE A 153 5.42 6.57 3.31
CA ILE A 153 4.29 6.47 2.41
C ILE A 153 4.20 7.70 1.53
N VAL A 154 4.46 8.88 2.10
CA VAL A 154 4.43 10.11 1.31
C VAL A 154 5.40 10.00 0.14
N LEU A 155 6.62 9.55 0.42
CA LEU A 155 7.62 9.44 -0.64
C LEU A 155 7.24 8.37 -1.64
N THR A 156 6.67 7.26 -1.17
CA THR A 156 6.27 6.18 -2.06
C THR A 156 5.17 6.63 -3.02
N PHE A 157 4.19 7.39 -2.50
CA PHE A 157 3.13 7.91 -3.36
C PHE A 157 3.67 8.98 -4.29
N GLU A 158 4.59 9.81 -3.82
CA GLU A 158 5.21 10.78 -4.74
C GLU A 158 5.85 10.04 -5.92
N TYR A 159 6.57 8.96 -5.63
CA TYR A 159 7.15 8.13 -6.68
C TYR A 159 6.06 7.53 -7.58
N LEU A 160 5.10 6.84 -6.99
CA LEU A 160 4.10 6.14 -7.79
C LEU A 160 3.30 7.11 -8.64
N HIS A 161 2.84 8.22 -8.05
CA HIS A 161 2.00 9.17 -8.78
C HIS A 161 2.76 9.81 -9.93
N SER A 162 4.08 10.00 -9.78
CA SER A 162 4.87 10.58 -10.86
C SER A 162 4.91 9.66 -12.07
N LEU A 163 4.70 8.37 -11.87
CA LEU A 163 4.61 7.39 -12.95
C LEU A 163 3.18 7.18 -13.42
N ASP A 164 2.25 8.01 -12.96
CA ASP A 164 0.83 7.88 -13.27
C ASP A 164 0.22 6.61 -12.69
N LEU A 165 0.74 6.15 -11.55
CA LEU A 165 0.23 4.97 -10.87
C LEU A 165 -0.52 5.37 -9.61
N ILE A 166 -1.75 4.89 -9.48
N ILE A 166 -1.73 4.87 -9.46
CA ILE A 166 -2.51 5.03 -8.25
CA ILE A 166 -2.51 5.05 -8.23
C ILE A 166 -2.41 3.70 -7.51
C ILE A 166 -2.55 3.72 -7.50
N TYR A 167 -2.37 3.76 -6.18
CA TYR A 167 -2.17 2.54 -5.39
C TYR A 167 -3.49 1.91 -4.93
N ARG A 168 -4.35 2.70 -4.28
CA ARG A 168 -5.76 2.40 -4.05
C ARG A 168 -6.04 1.32 -3.00
N ASP A 169 -5.07 0.91 -2.18
CA ASP A 169 -5.41 0.01 -1.07
C ASP A 169 -4.48 0.23 0.10
N LEU A 170 -4.19 1.48 0.42
CA LEU A 170 -3.38 1.76 1.59
C LEU A 170 -4.13 1.35 2.85
N LYS A 171 -3.46 0.60 3.72
CA LYS A 171 -3.94 0.25 5.05
C LYS A 171 -2.82 -0.50 5.77
N PRO A 172 -2.87 -0.55 7.11
CA PRO A 172 -1.79 -1.24 7.85
C PRO A 172 -1.60 -2.69 7.47
N GLU A 173 -2.66 -3.37 7.01
CA GLU A 173 -2.55 -4.76 6.57
C GLU A 173 -1.56 -4.93 5.43
N ASN A 174 -1.35 -3.89 4.63
CA ASN A 174 -0.53 -3.98 3.42
C ASN A 174 0.85 -3.37 3.61
N LEU A 175 1.23 -3.03 4.84
CA LEU A 175 2.51 -2.40 5.14
C LEU A 175 3.32 -3.37 6.00
N LEU A 176 4.39 -3.91 5.43
CA LEU A 176 5.27 -4.83 6.13
C LEU A 176 6.45 -4.06 6.70
N ILE A 177 6.95 -4.55 7.83
CA ILE A 177 8.09 -3.95 8.52
C ILE A 177 9.31 -4.80 8.21
N ASP A 178 10.36 -4.19 7.68
CA ASP A 178 11.52 -4.97 7.27
C ASP A 178 12.53 -5.04 8.41
N GLN A 179 13.67 -5.67 8.13
CA GLN A 179 14.63 -5.96 9.19
C GLN A 179 15.29 -4.71 9.74
N GLN A 180 15.20 -3.59 9.04
CA GLN A 180 15.69 -2.31 9.54
C GLN A 180 14.60 -1.46 10.17
N GLY A 181 13.37 -1.97 10.26
CA GLY A 181 12.26 -1.21 10.80
C GLY A 181 11.57 -0.30 9.80
N TYR A 182 11.91 -0.37 8.53
CA TYR A 182 11.30 0.45 7.49
C TYR A 182 10.13 -0.29 6.84
N ILE A 183 9.33 0.47 6.09
N ILE A 183 9.32 0.46 6.09
CA ILE A 183 8.12 -0.04 5.47
CA ILE A 183 8.11 -0.06 5.49
C ILE A 183 8.44 -0.71 4.14
C ILE A 183 8.42 -0.69 4.14
N GLN A 184 7.70 -1.76 3.83
CA GLN A 184 7.64 -2.33 2.48
C GLN A 184 6.17 -2.44 2.12
N VAL A 185 5.73 -1.71 1.10
CA VAL A 185 4.34 -1.78 0.66
C VAL A 185 4.16 -3.03 -0.17
N THR A 186 3.14 -3.83 0.16
CA THR A 186 2.84 -5.03 -0.60
C THR A 186 1.39 -4.97 -1.09
N ASP A 187 1.06 -5.91 -1.97
CA ASP A 187 -0.27 -6.04 -2.55
C ASP A 187 -0.58 -4.87 -3.47
N PHE A 188 -0.24 -5.03 -4.75
CA PHE A 188 -0.59 -4.05 -5.78
C PHE A 188 -1.81 -4.48 -6.58
N GLY A 189 -2.69 -5.29 -5.97
CA GLY A 189 -3.84 -5.80 -6.70
C GLY A 189 -4.78 -4.72 -7.20
N PHE A 190 -4.82 -3.58 -6.52
N PHE A 190 -4.84 -3.57 -6.56
CA PHE A 190 -5.65 -2.44 -6.86
CA PHE A 190 -5.67 -2.48 -7.06
C PHE A 190 -4.87 -1.29 -7.50
C PHE A 190 -4.88 -1.38 -7.75
N ALA A 191 -3.56 -1.46 -7.75
CA ALA A 191 -2.78 -0.42 -8.37
C ALA A 191 -3.05 -0.37 -9.87
N LYS A 192 -3.05 0.83 -10.43
CA LYS A 192 -3.41 1.02 -11.82
C LYS A 192 -2.66 2.22 -12.39
N ARG A 193 -2.27 2.11 -13.65
CA ARG A 193 -1.72 3.26 -14.37
C ARG A 193 -2.88 4.07 -14.93
N VAL A 194 -2.95 5.34 -14.54
CA VAL A 194 -4.11 6.20 -14.79
C VAL A 194 -3.57 7.58 -15.15
N LYS A 195 -3.79 8.00 -16.40
CA LYS A 195 -3.33 9.32 -16.80
C LYS A 195 -4.21 10.42 -16.21
N GLY A 196 -5.53 10.24 -16.23
CA GLY A 196 -6.45 11.21 -15.67
C GLY A 196 -7.34 10.65 -14.59
N ARG A 197 -8.56 10.26 -14.95
CA ARG A 197 -9.50 9.69 -14.01
C ARG A 197 -9.68 8.19 -14.25
N THR A 198 -10.25 7.53 -13.26
CA THR A 198 -10.64 6.12 -13.36
C THR A 198 -11.92 5.94 -12.57
N TRP A 199 -12.61 4.83 -12.78
CA TRP A 199 -13.99 4.69 -12.32
C TRP A 199 -14.33 3.41 -11.53
N TPO A 200 -13.38 2.49 -11.38
CA TPO A 200 -13.70 1.24 -10.67
CB TPO A 200 -12.56 0.23 -10.80
CG2 TPO A 200 -12.99 -1.10 -10.18
OG1 TPO A 200 -12.29 0.03 -12.18
P TPO A 200 -10.78 0.47 -12.50
O1P TPO A 200 -10.63 0.49 -14.10
O2P TPO A 200 -9.79 -0.49 -11.93
O3P TPO A 200 -10.51 1.94 -11.95
C TPO A 200 -14.00 1.51 -9.21
O TPO A 200 -13.27 2.23 -8.55
H TPO A 200 -12.58 2.56 -11.66
HA TPO A 200 -14.49 0.85 -11.08
HB TPO A 200 -11.68 0.61 -10.29
HG21 TPO A 200 -12.18 -1.83 -10.27
HG22 TPO A 200 -13.88 -1.48 -10.71
HG23 TPO A 200 -13.24 -0.96 -9.13
N LEU A 201 -15.10 0.95 -8.73
CA LEU A 201 -15.42 0.99 -7.30
C LEU A 201 -14.63 -0.10 -6.61
N CYS A 202 -13.56 0.27 -5.91
CA CYS A 202 -12.67 -0.71 -5.30
C CYS A 202 -11.87 -0.04 -4.19
N GLY A 203 -11.41 -0.87 -3.26
CA GLY A 203 -10.61 -0.47 -2.14
C GLY A 203 -11.12 -1.15 -0.89
N THR A 204 -10.71 -0.64 0.25
CA THR A 204 -11.17 -1.16 1.54
C THR A 204 -12.06 -0.13 2.20
N PRO A 205 -13.24 -0.51 2.66
CA PRO A 205 -14.23 0.49 3.10
C PRO A 205 -13.71 1.63 3.97
N GLU A 206 -13.04 1.31 5.08
CA GLU A 206 -12.58 2.35 5.99
C GLU A 206 -11.65 3.37 5.32
N TYR A 207 -11.02 3.00 4.21
CA TYR A 207 -10.01 3.85 3.57
C TYR A 207 -10.50 4.48 2.28
N LEU A 208 -11.75 4.25 1.89
CA LEU A 208 -12.27 4.82 0.64
C LEU A 208 -12.48 6.33 0.76
N ALA A 209 -11.99 7.06 -0.24
CA ALA A 209 -12.31 8.47 -0.37
C ALA A 209 -13.79 8.66 -0.72
N PRO A 210 -14.39 9.79 -0.33
CA PRO A 210 -15.82 9.99 -0.62
C PRO A 210 -16.16 9.87 -2.09
N GLU A 211 -15.30 10.37 -2.97
CA GLU A 211 -15.61 10.35 -4.39
C GLU A 211 -15.70 8.94 -4.94
N ILE A 212 -14.96 7.98 -4.37
CA ILE A 212 -15.13 6.59 -4.78
C ILE A 212 -16.52 6.10 -4.39
N ILE A 213 -16.89 6.34 -3.13
CA ILE A 213 -18.19 5.91 -2.61
C ILE A 213 -19.32 6.50 -3.42
N LEU A 214 -19.18 7.75 -3.84
CA LEU A 214 -20.24 8.42 -4.59
C LEU A 214 -20.22 8.08 -6.08
N SER A 215 -19.41 7.10 -6.50
CA SER A 215 -19.40 6.64 -7.90
C SER A 215 -19.05 7.78 -8.86
N LYS A 216 -18.15 8.64 -8.41
CA LYS A 216 -17.56 9.68 -9.23
C LYS A 216 -16.24 9.19 -9.80
N GLY A 217 -15.96 9.56 -11.05
CA GLY A 217 -14.63 9.40 -11.58
C GLY A 217 -13.63 10.08 -10.68
N TYR A 218 -12.51 9.42 -10.40
CA TYR A 218 -11.58 9.93 -9.39
C TYR A 218 -10.15 9.76 -9.88
N ASN A 219 -9.22 10.32 -9.13
CA ASN A 219 -7.82 10.35 -9.53
C ASN A 219 -6.95 10.02 -8.33
N LYS A 220 -5.65 10.32 -8.45
CA LYS A 220 -4.66 9.94 -7.45
C LYS A 220 -4.92 10.58 -6.09
N ALA A 221 -5.77 11.61 -6.01
CA ALA A 221 -6.08 12.21 -4.71
C ALA A 221 -6.74 11.23 -3.75
N VAL A 222 -7.27 10.10 -4.24
CA VAL A 222 -7.83 9.13 -3.30
C VAL A 222 -6.73 8.52 -2.44
N ASP A 223 -5.50 8.46 -2.96
CA ASP A 223 -4.40 7.94 -2.16
C ASP A 223 -4.04 8.90 -1.03
N TRP A 224 -4.18 10.20 -1.26
CA TRP A 224 -3.85 11.18 -0.23
C TRP A 224 -4.93 11.21 0.85
N TRP A 225 -6.20 11.06 0.47
CA TRP A 225 -7.23 10.78 1.47
C TRP A 225 -6.85 9.56 2.30
N ALA A 226 -6.48 8.47 1.65
CA ALA A 226 -6.19 7.24 2.39
C ALA A 226 -4.99 7.43 3.31
N LEU A 227 -4.01 8.25 2.91
CA LEU A 227 -2.93 8.59 3.83
C LEU A 227 -3.47 9.25 5.10
N GLY A 228 -4.44 10.15 4.97
CA GLY A 228 -5.05 10.72 6.16
C GLY A 228 -5.68 9.67 7.06
N VAL A 229 -6.38 8.71 6.46
CA VAL A 229 -6.95 7.64 7.26
C VAL A 229 -5.84 6.84 7.94
N LEU A 230 -4.76 6.56 7.22
CA LEU A 230 -3.67 5.75 7.79
C LEU A 230 -3.00 6.46 8.95
N ILE A 231 -2.67 7.73 8.77
CA ILE A 231 -2.01 8.49 9.82
C ILE A 231 -2.91 8.56 11.06
N TYR A 232 -4.20 8.85 10.85
CA TYR A 232 -5.14 8.85 11.96
C TYR A 232 -5.15 7.50 12.67
N GLU A 233 -5.29 6.40 11.92
CA GLU A 233 -5.33 5.09 12.56
C GLU A 233 -4.05 4.79 13.32
N MET A 234 -2.89 5.09 12.72
CA MET A 234 -1.63 4.84 13.41
C MET A 234 -1.55 5.60 14.73
N ALA A 235 -1.99 6.87 14.74
CA ALA A 235 -1.85 7.71 15.91
C ALA A 235 -2.96 7.52 16.93
N ALA A 236 -4.14 7.06 16.51
CA ALA A 236 -5.27 6.85 17.42
C ALA A 236 -5.43 5.41 17.86
N GLY A 237 -5.07 4.46 16.99
CA GLY A 237 -5.34 3.05 17.20
C GLY A 237 -6.58 2.54 16.51
N TYR A 238 -7.35 3.44 15.88
CA TYR A 238 -8.55 3.11 15.16
C TYR A 238 -8.72 4.15 14.06
N PRO A 239 -9.42 3.81 12.98
CA PRO A 239 -9.56 4.75 11.87
C PRO A 239 -10.64 5.80 12.14
N PRO A 240 -10.66 6.87 11.36
CA PRO A 240 -11.59 7.98 11.66
C PRO A 240 -13.05 7.68 11.37
N PHE A 241 -13.33 6.77 10.44
CA PHE A 241 -14.69 6.42 10.05
C PHE A 241 -14.82 4.93 10.38
N PHE A 242 -15.52 4.66 11.47
CA PHE A 242 -15.39 3.43 12.25
C PHE A 242 -16.80 2.97 12.57
N ALA A 243 -17.21 1.82 12.04
CA ALA A 243 -18.54 1.27 12.27
C ALA A 243 -18.52 -0.22 11.93
N ASP A 244 -19.56 -0.92 12.38
CA ASP A 244 -19.57 -2.37 12.23
C ASP A 244 -19.85 -2.79 10.79
N GLN A 245 -20.67 -2.04 10.06
CA GLN A 245 -21.06 -2.44 8.73
C GLN A 245 -20.54 -1.46 7.68
N PRO A 246 -20.08 -1.94 6.52
CA PRO A 246 -19.61 -1.02 5.47
C PRO A 246 -20.58 0.12 5.17
N ILE A 247 -21.89 -0.13 5.13
CA ILE A 247 -22.81 0.95 4.78
C ILE A 247 -22.73 2.09 5.79
N GLN A 248 -22.53 1.76 7.07
CA GLN A 248 -22.42 2.81 8.08
C GLN A 248 -21.11 3.57 7.94
N ILE A 249 -20.04 2.87 7.55
CA ILE A 249 -18.76 3.52 7.30
C ILE A 249 -18.89 4.54 6.17
N TYR A 250 -19.56 4.14 5.08
CA TYR A 250 -19.70 5.02 3.93
C TYR A 250 -20.42 6.31 4.30
N GLU A 251 -21.49 6.22 5.10
CA GLU A 251 -22.22 7.40 5.51
C GLU A 251 -21.33 8.38 6.26
N LYS A 252 -20.49 7.87 7.16
CA LYS A 252 -19.60 8.74 7.92
C LYS A 252 -18.57 9.39 7.01
N ILE A 253 -18.04 8.64 6.06
CA ILE A 253 -17.02 9.18 5.16
C ILE A 253 -17.58 10.36 4.38
N VAL A 254 -18.79 10.20 3.83
CA VAL A 254 -19.37 11.23 2.97
C VAL A 254 -19.81 12.46 3.77
N SER A 255 -20.09 12.30 5.06
CA SER A 255 -20.64 13.41 5.85
C SER A 255 -19.70 14.62 5.86
N GLY A 256 -18.40 14.41 5.79
CA GLY A 256 -17.46 15.50 5.93
C GLY A 256 -17.20 15.92 7.36
N LYS A 257 -17.29 14.98 8.30
CA LYS A 257 -17.09 15.25 9.73
C LYS A 257 -16.11 14.25 10.29
N VAL A 258 -15.10 14.75 11.00
N VAL A 258 -15.07 14.75 10.97
CA VAL A 258 -14.07 13.91 11.61
CA VAL A 258 -14.07 13.92 11.62
C VAL A 258 -13.78 14.42 13.01
C VAL A 258 -13.88 14.44 13.03
N ARG A 259 -13.79 13.51 13.99
CA ARG A 259 -13.47 13.83 15.36
C ARG A 259 -12.12 13.22 15.71
N PHE A 260 -11.37 13.91 16.55
CA PHE A 260 -10.00 13.51 16.87
C PHE A 260 -9.85 13.18 18.35
N PRO A 261 -9.00 12.22 18.70
CA PRO A 261 -8.66 12.00 20.11
C PRO A 261 -8.07 13.27 20.73
N SER A 262 -8.31 13.42 22.04
CA SER A 262 -7.83 14.61 22.71
C SER A 262 -6.32 14.64 22.83
N HIS A 263 -5.64 13.50 22.64
CA HIS A 263 -4.19 13.49 22.69
C HIS A 263 -3.53 13.87 21.36
N PHE A 264 -4.30 14.03 20.28
CA PHE A 264 -3.72 14.48 19.00
C PHE A 264 -3.21 15.92 19.13
N SER A 265 -1.99 16.13 18.65
CA SER A 265 -1.46 17.49 18.58
C SER A 265 -2.25 18.31 17.57
N SER A 266 -2.23 19.63 17.77
CA SER A 266 -2.93 20.51 16.83
C SER A 266 -2.31 20.44 15.44
N ASP A 267 -0.98 20.28 15.37
CA ASP A 267 -0.36 20.11 14.06
C ASP A 267 -0.87 18.87 13.37
N LEU A 268 -1.02 17.77 14.10
CA LEU A 268 -1.55 16.56 13.49
C LEU A 268 -2.98 16.77 13.00
N LYS A 269 -3.83 17.36 13.86
CA LYS A 269 -5.21 17.60 13.46
C LYS A 269 -5.30 18.49 12.23
N ASP A 270 -4.46 19.53 12.15
CA ASP A 270 -4.48 20.38 10.96
C ASP A 270 -4.13 19.60 9.71
N LEU A 271 -3.08 18.78 9.77
CA LEU A 271 -2.71 17.98 8.61
C LEU A 271 -3.86 17.07 8.21
N LEU A 272 -4.47 16.41 9.19
CA LEU A 272 -5.51 15.43 8.88
C LEU A 272 -6.76 16.10 8.33
N ARG A 273 -7.10 17.30 8.82
CA ARG A 273 -8.25 18.01 8.25
C ARG A 273 -8.03 18.35 6.79
N ASN A 274 -6.78 18.57 6.37
CA ASN A 274 -6.49 18.90 4.98
C ASN A 274 -6.34 17.67 4.10
N LEU A 275 -6.05 16.50 4.68
CA LEU A 275 -6.02 15.26 3.90
C LEU A 275 -7.40 14.65 3.79
N LEU A 276 -8.11 14.62 4.90
CA LEU A 276 -9.47 14.10 4.97
C LEU A 276 -10.46 15.19 4.57
N GLN A 277 -10.19 15.80 3.43
CA GLN A 277 -10.96 16.92 2.91
C GLN A 277 -11.85 16.39 1.79
N VAL A 278 -13.18 16.54 1.96
N VAL A 278 -13.17 16.52 1.98
CA VAL A 278 -14.12 16.05 0.97
CA VAL A 278 -14.11 16.05 0.96
C VAL A 278 -14.03 16.87 -0.31
C VAL A 278 -13.95 16.86 -0.32
N ASP A 279 -13.70 18.16 -0.20
CA ASP A 279 -13.61 19.04 -1.35
C ASP A 279 -12.27 18.86 -2.06
N LEU A 280 -12.30 18.37 -3.30
N LEU A 280 -12.31 18.38 -3.31
CA LEU A 280 -11.06 18.10 -4.00
CA LEU A 280 -11.10 18.09 -4.05
C LEU A 280 -10.28 19.37 -4.32
C LEU A 280 -10.32 19.33 -4.43
N THR A 281 -10.95 20.50 -4.44
CA THR A 281 -10.24 21.76 -4.68
C THR A 281 -9.45 22.21 -3.45
N LYS A 282 -9.61 21.52 -2.32
CA LYS A 282 -8.92 21.88 -1.09
C LYS A 282 -8.05 20.78 -0.49
N ARG A 283 -8.11 19.55 -1.03
CA ARG A 283 -7.39 18.45 -0.41
C ARG A 283 -5.88 18.54 -0.66
N PHE A 284 -5.10 18.44 0.41
CA PHE A 284 -3.64 18.42 0.28
C PHE A 284 -3.21 17.22 -0.56
N GLY A 285 -2.18 17.45 -1.38
CA GLY A 285 -1.80 16.52 -2.40
C GLY A 285 -2.45 16.77 -3.74
N ASN A 286 -3.54 17.53 -3.78
CA ASN A 286 -4.30 17.77 -4.99
C ASN A 286 -4.30 19.24 -5.40
N LEU A 287 -3.42 20.06 -4.82
CA LEU A 287 -3.41 21.50 -5.09
C LEU A 287 -2.23 21.85 -5.98
N LYS A 288 -2.09 23.16 -6.24
CA LYS A 288 -1.04 23.63 -7.13
C LYS A 288 0.33 23.10 -6.72
N ASN A 289 0.61 23.10 -5.42
N ASN A 289 0.63 23.10 -5.43
CA ASN A 289 1.90 22.68 -4.90
CA ASN A 289 1.94 22.66 -4.95
C ASN A 289 2.02 21.16 -4.75
C ASN A 289 2.02 21.15 -4.75
N GLY A 290 0.97 20.41 -5.09
CA GLY A 290 1.07 18.96 -5.08
C GLY A 290 1.51 18.41 -3.73
N VAL A 291 2.46 17.47 -3.77
N VAL A 291 2.46 17.48 -3.78
CA VAL A 291 2.88 16.76 -2.56
CA VAL A 291 2.90 16.77 -2.58
C VAL A 291 3.60 17.70 -1.59
C VAL A 291 3.62 17.68 -1.60
N ASN A 292 4.14 18.83 -2.07
CA ASN A 292 4.89 19.71 -1.20
C ASN A 292 4.03 20.35 -0.13
N ASP A 293 2.73 20.49 -0.35
CA ASP A 293 1.86 20.93 0.74
C ASP A 293 1.92 19.95 1.91
N ILE A 294 2.12 18.67 1.63
CA ILE A 294 2.23 17.69 2.70
C ILE A 294 3.63 17.70 3.29
N LYS A 295 4.65 17.66 2.43
CA LYS A 295 6.02 17.54 2.91
C LYS A 295 6.45 18.76 3.69
N ASN A 296 5.88 19.93 3.39
CA ASN A 296 6.24 21.17 4.07
C ASN A 296 5.31 21.48 5.24
N HIS A 297 4.34 20.61 5.53
CA HIS A 297 3.43 20.85 6.64
C HIS A 297 4.19 20.80 7.97
N LYS A 298 3.70 21.60 8.92
CA LYS A 298 4.37 21.72 10.21
C LYS A 298 4.53 20.37 10.91
N TRP A 299 3.59 19.44 10.74
CA TRP A 299 3.71 18.17 11.43
C TRP A 299 4.93 17.39 10.95
N PHE A 300 5.39 17.66 9.73
CA PHE A 300 6.57 17.02 9.18
C PHE A 300 7.81 17.88 9.32
N ALA A 301 7.77 18.92 10.16
CA ALA A 301 8.87 19.89 10.20
C ALA A 301 10.19 19.25 10.60
N THR A 302 10.14 18.20 11.45
CA THR A 302 11.34 17.50 11.87
C THR A 302 11.77 16.42 10.89
N THR A 303 11.00 16.17 9.83
CA THR A 303 11.33 15.08 8.93
C THR A 303 12.41 15.49 7.93
N ASP A 304 13.45 14.68 7.86
CA ASP A 304 14.51 14.83 6.86
C ASP A 304 14.17 13.88 5.72
N TRP A 305 13.54 14.41 4.66
CA TRP A 305 12.97 13.58 3.63
C TRP A 305 14.05 12.78 2.90
N ILE A 306 15.19 13.40 2.64
CA ILE A 306 16.29 12.68 1.98
C ILE A 306 16.81 11.58 2.90
N ALA A 307 16.94 11.86 4.18
CA ALA A 307 17.47 10.86 5.11
C ALA A 307 16.53 9.67 5.22
N ILE A 308 15.22 9.92 5.19
CA ILE A 308 14.26 8.82 5.17
C ILE A 308 14.50 7.97 3.92
N TYR A 309 14.57 8.61 2.76
CA TYR A 309 14.75 7.87 1.51
C TYR A 309 16.02 7.03 1.55
N GLN A 310 17.11 7.62 2.02
CA GLN A 310 18.38 6.92 2.13
C GLN A 310 18.42 5.97 3.32
N ARG A 311 17.34 5.88 4.09
CA ARG A 311 17.25 4.96 5.22
C ARG A 311 18.31 5.26 6.27
N LYS A 312 18.60 6.54 6.47
CA LYS A 312 19.59 6.97 7.45
C LYS A 312 18.99 7.25 8.83
N VAL A 313 17.68 7.22 8.96
CA VAL A 313 17.00 7.56 10.20
C VAL A 313 16.82 6.31 11.05
N GLU A 314 17.09 6.43 12.34
CA GLU A 314 16.90 5.30 13.25
C GLU A 314 15.43 4.97 13.36
N ALA A 315 15.09 3.70 13.14
CA ALA A 315 13.68 3.32 13.14
C ALA A 315 13.14 3.24 14.56
N PRO A 316 11.84 3.47 14.73
CA PRO A 316 11.25 3.39 16.08
C PRO A 316 11.29 2.00 16.68
N PHE A 317 11.32 0.97 15.84
CA PHE A 317 11.09 -0.39 16.28
C PHE A 317 11.73 -1.34 15.30
N ILE A 318 12.63 -2.19 15.77
CA ILE A 318 13.27 -3.22 14.95
C ILE A 318 12.64 -4.56 15.29
N PRO A 319 11.99 -5.24 14.35
CA PRO A 319 11.40 -6.55 14.68
C PRO A 319 12.48 -7.58 14.96
N LYS A 320 12.21 -8.45 15.93
CA LYS A 320 13.13 -9.54 16.23
C LYS A 320 13.01 -10.62 15.17
N PHE A 321 14.16 -11.12 14.72
CA PHE A 321 14.22 -12.19 13.74
C PHE A 321 15.08 -13.31 14.31
N LYS A 322 14.49 -14.50 14.43
CA LYS A 322 15.23 -15.66 14.92
C LYS A 322 16.14 -16.25 13.86
N GLY A 323 15.84 -16.04 12.59
CA GLY A 323 16.66 -16.54 11.52
C GLY A 323 15.93 -16.51 10.19
N PRO A 324 16.50 -17.12 9.16
CA PRO A 324 15.83 -17.16 7.86
C PRO A 324 14.61 -18.07 7.91
N GLY A 325 13.53 -17.60 7.27
CA GLY A 325 12.29 -18.34 7.27
C GLY A 325 11.48 -18.20 8.54
N ASP A 326 11.91 -17.36 9.48
CA ASP A 326 11.15 -17.16 10.70
C ASP A 326 9.80 -16.53 10.37
N THR A 327 8.74 -17.09 10.95
CA THR A 327 7.39 -16.56 10.76
C THR A 327 6.78 -16.08 12.07
N SER A 328 7.61 -15.84 13.09
CA SER A 328 7.08 -15.51 14.41
C SER A 328 6.33 -14.18 14.43
N ASN A 329 6.59 -13.29 13.47
CA ASN A 329 5.94 -11.98 13.45
C ASN A 329 4.62 -11.96 12.68
N PHE A 330 4.17 -13.11 12.17
CA PHE A 330 2.91 -13.23 11.45
C PHE A 330 1.91 -14.07 12.24
N ASP A 331 0.63 -13.75 12.07
CA ASP A 331 -0.44 -14.56 12.67
C ASP A 331 -0.58 -15.87 11.91
N ASP A 332 -1.32 -16.80 12.50
CA ASP A 332 -1.54 -18.11 11.91
C ASP A 332 -2.84 -18.14 11.12
N TYR A 333 -2.85 -18.97 10.08
CA TYR A 333 -4.00 -19.10 9.21
C TYR A 333 -4.26 -20.58 8.95
N GLU A 334 -5.50 -20.88 8.58
CA GLU A 334 -5.82 -22.22 8.13
C GLU A 334 -4.95 -22.58 6.93
N GLU A 335 -4.45 -23.82 6.93
CA GLU A 335 -3.57 -24.31 5.88
C GLU A 335 -4.41 -25.18 4.95
N GLU A 336 -4.88 -24.59 3.85
CA GLU A 336 -5.70 -25.30 2.88
C GLU A 336 -4.83 -25.93 1.81
N GLU A 337 -5.37 -26.95 1.16
CA GLU A 337 -4.65 -27.64 0.10
C GLU A 337 -4.45 -26.72 -1.10
N ILE A 338 -3.32 -26.91 -1.78
CA ILE A 338 -3.04 -26.24 -3.04
C ILE A 338 -3.05 -27.33 -4.11
N ARG A 339 -4.02 -27.24 -5.02
CA ARG A 339 -4.25 -28.28 -6.03
C ARG A 339 -4.14 -27.67 -7.42
N VAL A 340 -3.47 -28.41 -8.31
CA VAL A 340 -3.31 -28.00 -9.70
C VAL A 340 -3.98 -29.04 -10.60
N SEP A 341 -4.79 -28.56 -11.53
CA SEP A 341 -5.56 -29.44 -12.41
CB SEP A 341 -6.73 -28.69 -13.04
OG SEP A 341 -7.94 -28.97 -12.35
C SEP A 341 -4.71 -30.02 -13.52
O SEP A 341 -3.67 -29.46 -13.89
P SEP A 341 -8.68 -30.26 -13.00
O1P SEP A 341 -10.18 -30.31 -12.44
O2P SEP A 341 -8.69 -30.15 -14.60
O3P SEP A 341 -7.89 -31.60 -12.57
H SEP A 341 -4.93 -27.72 -11.68
HA SEP A 341 -5.91 -30.19 -11.88
HB2 SEP A 341 -6.83 -28.96 -13.96
HB3 SEP A 341 -6.56 -27.74 -12.98
N ILE A 342 -5.15 -31.15 -14.08
CA ILE A 342 -4.50 -31.75 -15.24
C ILE A 342 -4.84 -30.92 -16.49
N ASN A 343 -5.93 -30.16 -16.43
CA ASN A 343 -6.42 -29.38 -17.56
C ASN A 343 -6.22 -27.90 -17.31
N GLU A 344 -5.71 -27.20 -18.32
CA GLU A 344 -5.53 -25.76 -18.23
C GLU A 344 -6.87 -25.06 -18.11
N LYS A 345 -6.94 -24.09 -17.21
CA LYS A 345 -8.15 -23.32 -16.98
C LYS A 345 -7.90 -21.85 -17.33
N CYS A 346 -8.85 -21.25 -18.06
CA CYS A 346 -8.81 -19.82 -18.37
C CYS A 346 -7.54 -19.44 -19.11
N GLY A 347 -7.06 -20.33 -19.98
CA GLY A 347 -5.82 -20.06 -20.70
C GLY A 347 -5.85 -18.76 -21.48
N LYS A 348 -6.88 -18.58 -22.33
CA LYS A 348 -6.95 -17.37 -23.14
C LYS A 348 -7.19 -16.13 -22.29
N GLU A 349 -7.93 -16.28 -21.20
CA GLU A 349 -8.29 -15.14 -20.34
C GLU A 349 -7.13 -14.64 -19.51
N PHE A 350 -5.97 -15.32 -19.55
CA PHE A 350 -4.77 -14.89 -18.83
C PHE A 350 -3.54 -15.01 -19.71
N THR A 351 -3.69 -14.83 -21.02
CA THR A 351 -2.57 -14.99 -21.94
C THR A 351 -1.46 -13.99 -21.66
N GLU A 352 -1.82 -12.78 -21.21
CA GLU A 352 -0.83 -11.73 -20.99
C GLU A 352 0.00 -11.93 -19.73
N PHE A 353 -0.42 -12.81 -18.82
CA PHE A 353 0.28 -12.97 -17.54
C PHE A 353 1.59 -13.73 -17.68
N ALA B 2 -18.71 3.79 19.25
CA ALA B 2 -17.29 3.49 19.34
C ALA B 2 -16.99 2.05 18.91
N ALA B 3 -17.98 1.39 18.32
CA ALA B 3 -17.84 0.02 17.85
C ALA B 3 -17.51 0.02 16.36
N GLY B 4 -16.48 -0.76 15.99
CA GLY B 4 -16.07 -0.86 14.60
C GLY B 4 -15.29 -2.14 14.40
N ARG B 5 -14.84 -2.35 13.17
CA ARG B 5 -14.15 -3.58 12.81
C ARG B 5 -12.70 -3.53 13.27
N THR B 6 -12.31 -4.48 14.12
CA THR B 6 -10.97 -4.49 14.68
C THR B 6 -10.03 -5.48 14.02
N GLY B 7 -10.56 -6.46 13.26
CA GLY B 7 -9.75 -7.44 12.57
C GLY B 7 -9.32 -6.98 11.19
N ARG B 8 -8.59 -7.86 10.50
CA ARG B 8 -8.13 -7.52 9.15
C ARG B 8 -9.33 -7.26 8.25
N ARG B 9 -9.17 -6.26 7.38
CA ARG B 9 -10.25 -5.73 6.57
C ARG B 9 -10.06 -6.16 5.12
N GLN B 10 -11.06 -6.85 4.58
CA GLN B 10 -11.00 -7.31 3.20
C GLN B 10 -11.33 -6.18 2.26
N ALA B 11 -10.59 -6.09 1.16
CA ALA B 11 -10.89 -5.07 0.18
C ALA B 11 -12.06 -5.52 -0.70
N ILE B 12 -12.72 -4.55 -1.32
CA ILE B 12 -13.88 -4.78 -2.18
C ILE B 12 -13.45 -4.47 -3.61
N HIS B 13 -13.81 -5.35 -4.55
CA HIS B 13 -13.30 -5.24 -5.90
C HIS B 13 -14.24 -4.51 -6.86
N ASP B 14 -15.56 -4.53 -6.62
CA ASP B 14 -16.48 -4.05 -7.64
C ASP B 14 -17.86 -3.64 -7.11
N ILE B 15 -18.21 -4.05 -5.89
CA ILE B 15 -19.51 -3.76 -5.30
C ILE B 15 -19.29 -3.23 -3.89
N LEU B 16 -19.92 -2.10 -3.57
CA LEU B 16 -19.66 -1.44 -2.29
C LEU B 16 -20.30 -2.18 -1.13
N VAL B 17 -21.56 -2.57 -1.27
CA VAL B 17 -22.30 -3.20 -0.18
C VAL B 17 -22.68 -4.63 -0.54
C4 8K5 C . 4.78 -11.17 3.46
C5 8K5 C . 4.85 -10.64 2.20
C6 8K5 C . 3.72 -10.31 1.50
N1 8K5 C . -0.47 -8.50 4.12
C7 8K5 C . 2.48 -10.50 2.08
CL 8K5 C . 6.43 -10.31 1.52
C3 8K5 C . 3.53 -11.35 4.05
C2 8K5 C . 2.37 -11.01 3.36
C1 8K5 C . 1.03 -11.18 4.01
S 8K5 C . -0.36 -10.84 2.89
C 8K5 C . -0.70 -9.13 3.00
N 8K5 C . -1.18 -8.50 1.96
H7 8K5 C . 5.68 -11.43 4.01
H8 8K5 C . 3.81 -9.91 0.48
H2 8K5 C . -0.09 -8.94 4.97
H3 8K5 C . -0.66 -7.51 4.21
H9 8K5 C . 1.59 -10.24 1.51
H6 8K5 C . 3.47 -11.77 5.04
H4 8K5 C . 0.85 -12.20 4.33
H5 8K5 C . 0.92 -10.57 4.91
H 8K5 C . -1.37 -8.93 1.06
H1 8K5 C . -1.39 -7.50 2.00
C4 8K5 D . -16.02 -8.75 -17.07
C5 8K5 D . -17.16 -7.98 -17.04
C6 8K5 D . -17.13 -6.67 -16.62
N1 8K5 D . -13.67 -3.37 -12.94
C7 8K5 D . -15.92 -6.12 -16.20
CL 8K5 D . -18.68 -8.69 -17.52
C3 8K5 D . -14.83 -8.19 -16.65
C2 8K5 D . -14.76 -6.88 -16.20
C1 8K5 D . -13.47 -6.30 -15.69
S 8K5 D . -13.54 -4.52 -15.31
C 8K5 D . -14.12 -4.35 -13.68
N 8K5 D . -15.01 -5.21 -13.21
H7 8K5 D . -16.05 -9.78 -17.42
H8 8K5 D . -18.03 -6.07 -16.62
H2 8K5 D . -13.96 -3.19 -11.98
H3 8K5 D . -13.00 -2.72 -13.31
H9 8K5 D . -15.92 -5.09 -15.88
H6 8K5 D . -13.92 -8.80 -16.66
H4 8K5 D . -12.68 -6.37 -16.43
H5 8K5 D . -13.09 -6.84 -14.82
H 8K5 D . -15.40 -5.17 -12.28
H1 8K5 D . -15.36 -5.97 -13.79
C1 MPD E . 13.41 11.44 -1.49
C2 MPD E . 13.58 11.48 -3.02
O2 MPD E . 13.42 12.87 -3.42
CM MPD E . 14.99 11.05 -3.44
C3 MPD E . 12.55 10.61 -3.71
C4 MPD E . 11.13 11.18 -3.65
O4 MPD E . 11.02 12.30 -4.49
C5 MPD E . 10.07 10.16 -4.06
H11 MPD E . 12.58 10.77 -1.25
H12 MPD E . 13.21 12.43 -1.12
H13 MPD E . 14.32 11.04 -1.05
HO2 MPD E . 12.68 12.94 -4.06
HM1 MPD E . 14.90 10.21 -4.15
HM2 MPD E . 15.55 10.73 -2.57
HM3 MPD E . 15.50 11.87 -3.93
H31 MPD E . 12.54 9.62 -3.26
H32 MPD E . 12.82 10.49 -4.76
H4 MPD E . 10.92 11.49 -2.62
HO4 MPD E . 10.50 13.00 -4.05
H51 MPD E . 9.50 10.54 -4.90
H52 MPD E . 10.57 9.23 -4.34
H53 MPD E . 9.40 9.97 -3.22
#